data_2DVN
#
_entry.id   2DVN
#
_cell.length_a   80.295
_cell.length_b   80.295
_cell.length_c   162.367
_cell.angle_alpha   90.00
_cell.angle_beta   90.00
_cell.angle_gamma   90.00
#
_symmetry.space_group_name_H-M   'P 41 21 2'
#
loop_
_entity.id
_entity.type
_entity.pdbx_description
1 polymer 'Hypothetical protein PH1917'
2 non-polymer 'SULFATE ION'
3 non-polymer 'INOSINIC ACID'
4 non-polymer GLYCEROL
5 water water
#
_entity_poly.entity_id   1
_entity_poly.type   'polypeptide(L)'
_entity_poly.pdbx_seq_one_letter_code
;MKIFFITSNPGKVREVANFLGTFGIEIVQLKHEYPEIQAEKLEDVVDFGISWLKGKVPEPFMIEDSGLFIESLKGFPGVY
SSYVYRTIGLEGILKLMEGAEDRRAYFKSVIGFYIDGKAYKFSGVTWGRISNEKRGTHGFGYDPIFIPEGSEKTFAEMTI
EEKNALSHRGKALKAFFEWLKVNLKY
;
_entity_poly.pdbx_strand_id   A,B
#
loop_
_chem_comp.id
_chem_comp.type
_chem_comp.name
_chem_comp.formula
GOL non-polymer GLYCEROL 'C3 H8 O3'
IMP non-polymer 'INOSINIC ACID' 'C10 H13 N4 O8 P'
SO4 non-polymer 'SULFATE ION' 'O4 S -2'
#
# COMPACT_ATOMS: atom_id res chain seq x y z
N MET A 1 6.05 -15.75 0.86
CA MET A 1 4.58 -15.59 0.67
C MET A 1 4.19 -14.16 0.33
N LYS A 2 3.26 -14.04 -0.62
CA LYS A 2 2.77 -12.75 -1.07
C LYS A 2 1.25 -12.77 -0.93
N ILE A 3 0.70 -11.74 -0.27
CA ILE A 3 -0.75 -11.65 -0.07
C ILE A 3 -1.29 -10.41 -0.78
N PHE A 4 -2.40 -10.58 -1.50
CA PHE A 4 -3.01 -9.47 -2.19
C PHE A 4 -4.03 -8.83 -1.27
N PHE A 5 -3.83 -7.55 -0.97
CA PHE A 5 -4.69 -6.82 -0.07
C PHE A 5 -5.65 -5.95 -0.89
N ILE A 6 -6.91 -6.36 -0.95
CA ILE A 6 -7.94 -5.64 -1.70
C ILE A 6 -8.43 -4.50 -0.82
N THR A 7 -8.01 -3.29 -1.16
CA THR A 7 -8.36 -2.09 -0.38
C THR A 7 -8.02 -0.85 -1.17
N SER A 8 -8.60 0.28 -0.79
CA SER A 8 -8.31 1.53 -1.46
C SER A 8 -7.81 2.52 -0.41
N ASN A 9 -7.48 2.02 0.77
CA ASN A 9 -7.00 2.85 1.87
C ASN A 9 -5.49 2.72 2.03
N PRO A 10 -4.73 3.74 1.61
CA PRO A 10 -3.27 3.69 1.71
C PRO A 10 -2.75 3.54 3.14
N GLY A 11 -3.51 4.06 4.11
CA GLY A 11 -3.11 3.97 5.50
C GLY A 11 -3.15 2.52 5.96
N LYS A 12 -4.20 1.81 5.58
CA LYS A 12 -4.31 0.41 5.96
C LYS A 12 -3.16 -0.37 5.31
N VAL A 13 -2.84 -0.03 4.06
CA VAL A 13 -1.78 -0.71 3.35
C VAL A 13 -0.44 -0.59 4.08
N ARG A 14 -0.07 0.64 4.45
CA ARG A 14 1.19 0.85 5.16
C ARG A 14 1.26 0.10 6.47
N GLU A 15 0.18 0.12 7.23
CA GLU A 15 0.15 -0.56 8.52
C GLU A 15 0.25 -2.07 8.38
N VAL A 16 -0.48 -2.65 7.45
CA VAL A 16 -0.44 -4.08 7.21
C VAL A 16 0.93 -4.51 6.66
N ALA A 17 1.46 -3.75 5.71
CA ALA A 17 2.75 -4.07 5.11
C ALA A 17 3.89 -3.95 6.12
N ASN A 18 3.82 -2.94 6.99
CA ASN A 18 4.84 -2.74 8.00
C ASN A 18 4.85 -3.90 9.01
N PHE A 19 3.66 -4.33 9.42
CA PHE A 19 3.55 -5.42 10.37
C PHE A 19 4.01 -6.76 9.81
N LEU A 20 3.43 -7.17 8.69
CA LEU A 20 3.76 -8.46 8.10
C LEU A 20 5.13 -8.49 7.44
N GLY A 21 5.64 -7.33 7.02
CA GLY A 21 6.94 -7.27 6.40
C GLY A 21 8.04 -7.69 7.36
N THR A 22 7.78 -7.51 8.64
CA THR A 22 8.72 -7.89 9.69
C THR A 22 9.03 -9.37 9.60
N PHE A 23 8.05 -10.14 9.13
CA PHE A 23 8.20 -11.58 9.02
C PHE A 23 8.44 -12.09 7.60
N GLY A 24 8.85 -11.18 6.72
CA GLY A 24 9.16 -11.56 5.35
C GLY A 24 7.98 -11.78 4.41
N ILE A 25 6.80 -11.33 4.83
CA ILE A 25 5.60 -11.49 4.00
C ILE A 25 5.39 -10.23 3.18
N GLU A 26 5.20 -10.40 1.88
CA GLU A 26 4.99 -9.28 0.96
C GLU A 26 3.50 -8.99 0.80
N ILE A 27 3.15 -7.70 0.76
CA ILE A 27 1.78 -7.28 0.58
C ILE A 27 1.71 -6.57 -0.77
N VAL A 28 0.73 -6.93 -1.59
CA VAL A 28 0.55 -6.28 -2.88
C VAL A 28 -0.88 -5.75 -2.90
N GLN A 29 -1.01 -4.43 -2.80
CA GLN A 29 -2.32 -3.79 -2.79
C GLN A 29 -3.01 -3.91 -4.14
N LEU A 30 -4.33 -4.05 -4.09
CA LEU A 30 -5.16 -4.19 -5.29
C LEU A 30 -6.45 -3.43 -5.03
N LYS A 31 -6.66 -2.33 -5.74
CA LYS A 31 -7.89 -1.58 -5.56
C LYS A 31 -8.98 -2.25 -6.41
N HIS A 32 -10.01 -2.75 -5.74
CA HIS A 32 -11.12 -3.40 -6.42
C HIS A 32 -12.33 -3.25 -5.50
N GLU A 33 -13.07 -2.17 -5.70
CA GLU A 33 -14.23 -1.90 -4.87
C GLU A 33 -15.15 -3.10 -4.82
N TYR A 34 -15.62 -3.42 -3.61
CA TYR A 34 -16.53 -4.53 -3.42
C TYR A 34 -17.71 -4.02 -2.61
N PRO A 35 -18.88 -4.66 -2.73
CA PRO A 35 -20.04 -4.22 -1.98
C PRO A 35 -19.81 -4.38 -0.49
N GLU A 36 -20.10 -3.32 0.26
CA GLU A 36 -19.97 -3.33 1.70
C GLU A 36 -21.41 -3.23 2.19
N ILE A 37 -21.95 -4.37 2.62
CA ILE A 37 -23.34 -4.38 3.06
C ILE A 37 -23.63 -3.71 4.39
N GLN A 38 -24.87 -3.27 4.54
CA GLN A 38 -25.30 -2.69 5.79
C GLN A 38 -25.52 -3.93 6.64
N ALA A 39 -25.01 -3.90 7.86
CA ALA A 39 -25.12 -5.06 8.74
C ALA A 39 -24.81 -4.65 10.17
N GLU A 40 -25.08 -5.54 11.11
CA GLU A 40 -24.85 -5.27 12.51
C GLU A 40 -23.39 -5.39 12.94
N LYS A 41 -22.63 -6.23 12.24
CA LYS A 41 -21.23 -6.44 12.59
C LYS A 41 -20.26 -6.27 11.43
N LEU A 42 -19.05 -5.82 11.73
CA LEU A 42 -18.00 -5.66 10.71
C LEU A 42 -17.77 -7.03 10.09
N GLU A 43 -17.92 -8.08 10.89
CA GLU A 43 -17.74 -9.45 10.42
C GLU A 43 -18.68 -9.80 9.27
N ASP A 44 -19.88 -9.23 9.28
CA ASP A 44 -20.85 -9.48 8.22
C ASP A 44 -20.41 -8.83 6.92
N VAL A 45 -19.81 -7.66 7.03
CA VAL A 45 -19.34 -6.95 5.85
C VAL A 45 -18.19 -7.74 5.22
N VAL A 46 -17.33 -8.28 6.07
CA VAL A 46 -16.20 -9.07 5.58
C VAL A 46 -16.69 -10.38 4.94
N ASP A 47 -17.65 -11.06 5.58
CA ASP A 47 -18.15 -12.32 5.01
C ASP A 47 -18.69 -12.09 3.61
N PHE A 48 -19.53 -11.08 3.44
CA PHE A 48 -20.12 -10.80 2.14
C PHE A 48 -19.04 -10.37 1.13
N GLY A 49 -18.08 -9.58 1.61
CA GLY A 49 -17.01 -9.11 0.75
C GLY A 49 -16.17 -10.24 0.19
N ILE A 50 -15.79 -11.19 1.03
CA ILE A 50 -15.00 -12.32 0.54
C ILE A 50 -15.78 -13.15 -0.47
N SER A 51 -17.05 -13.45 -0.11
CA SER A 51 -17.89 -14.24 -0.98
C SER A 51 -18.04 -13.59 -2.37
N TRP A 52 -18.05 -12.24 -2.35
CA TRP A 52 -18.22 -11.49 -3.59
C TRP A 52 -16.94 -11.48 -4.43
N LEU A 53 -15.80 -11.37 -3.71
CA LEU A 53 -14.54 -11.16 -4.41
C LEU A 53 -13.97 -12.45 -4.99
N LYS A 54 -14.21 -13.57 -4.29
CA LYS A 54 -13.59 -14.82 -4.72
C LYS A 54 -13.88 -15.11 -6.20
N GLY A 55 -12.80 -15.47 -6.90
CA GLY A 55 -12.89 -15.75 -8.33
C GLY A 55 -12.67 -14.52 -9.20
N LYS A 56 -12.64 -13.34 -8.58
CA LYS A 56 -12.45 -12.10 -9.33
C LYS A 56 -11.09 -11.46 -9.07
N VAL A 57 -10.39 -11.95 -8.06
CA VAL A 57 -9.08 -11.43 -7.70
C VAL A 57 -8.09 -12.55 -7.43
N PRO A 58 -6.78 -12.24 -7.52
CA PRO A 58 -5.74 -13.24 -7.27
C PRO A 58 -5.73 -13.70 -5.81
N GLU A 59 -5.22 -14.90 -5.59
CA GLU A 59 -5.15 -15.49 -4.26
C GLU A 59 -3.71 -15.77 -3.84
N PRO A 60 -3.44 -15.80 -2.53
CA PRO A 60 -4.44 -15.57 -1.47
C PRO A 60 -4.68 -14.08 -1.33
N PHE A 61 -5.88 -13.69 -0.87
CA PHE A 61 -6.16 -12.28 -0.71
C PHE A 61 -6.76 -11.98 0.65
N MET A 62 -6.69 -10.71 1.04
CA MET A 62 -7.24 -10.28 2.31
C MET A 62 -7.96 -8.96 2.11
N ILE A 63 -8.95 -8.72 2.96
CA ILE A 63 -9.68 -7.46 2.96
C ILE A 63 -9.76 -7.03 4.42
N GLU A 64 -10.16 -5.80 4.66
CA GLU A 64 -10.25 -5.34 6.04
C GLU A 64 -11.39 -4.35 6.19
N ASP A 65 -12.21 -4.56 7.23
CA ASP A 65 -13.30 -3.65 7.51
C ASP A 65 -13.14 -3.26 8.96
N SER A 66 -13.11 -1.96 9.23
CA SER A 66 -12.90 -1.48 10.58
C SER A 66 -13.82 -0.32 10.94
N GLY A 67 -13.87 0.00 12.22
CA GLY A 67 -14.72 1.10 12.64
C GLY A 67 -14.51 1.56 14.06
N LEU A 68 -15.02 2.75 14.35
CA LEU A 68 -14.93 3.36 15.68
C LEU A 68 -16.33 3.29 16.29
N PHE A 69 -16.42 2.72 17.49
CA PHE A 69 -17.69 2.55 18.19
C PHE A 69 -17.68 3.36 19.48
N ILE A 70 -18.46 4.44 19.48
CA ILE A 70 -18.51 5.34 20.63
C ILE A 70 -19.63 4.97 21.60
N GLU A 71 -19.25 4.67 22.84
CA GLU A 71 -20.19 4.24 23.86
C GLU A 71 -21.40 5.15 24.11
N SER A 72 -21.16 6.44 24.29
CA SER A 72 -22.26 7.37 24.56
C SER A 72 -23.20 7.52 23.36
N LEU A 73 -22.74 7.10 22.19
CA LEU A 73 -23.54 7.20 20.96
C LEU A 73 -24.06 5.83 20.54
N LYS A 74 -24.16 4.91 21.51
CA LYS A 74 -24.65 3.57 21.27
C LYS A 74 -23.93 2.80 20.18
N GLY A 75 -22.62 3.01 20.07
CA GLY A 75 -21.83 2.29 19.07
C GLY A 75 -21.58 3.04 17.77
N PHE A 76 -22.32 4.13 17.54
CA PHE A 76 -22.16 4.94 16.34
C PHE A 76 -20.75 5.55 16.36
N PRO A 77 -20.11 5.73 15.18
CA PRO A 77 -20.59 5.40 13.84
C PRO A 77 -20.46 3.93 13.48
N GLY A 78 -19.61 3.22 14.20
CA GLY A 78 -19.43 1.79 14.01
C GLY A 78 -19.17 1.28 12.60
N VAL A 79 -20.06 0.39 12.15
CA VAL A 79 -19.94 -0.20 10.83
C VAL A 79 -19.96 0.87 9.73
N TYR A 80 -20.55 2.03 10.05
CA TYR A 80 -20.62 3.07 9.02
C TYR A 80 -19.68 4.26 9.32
N SER A 81 -18.54 3.92 9.91
CA SER A 81 -17.52 4.91 10.20
C SER A 81 -17.07 5.67 8.94
N SER A 82 -17.01 4.99 7.81
CA SER A 82 -16.58 5.65 6.57
C SER A 82 -17.55 6.74 6.14
N TYR A 83 -18.83 6.42 6.02
CA TYR A 83 -19.81 7.41 5.61
C TYR A 83 -19.85 8.61 6.54
N VAL A 84 -19.85 8.34 7.84
CA VAL A 84 -19.88 9.39 8.83
C VAL A 84 -18.64 10.29 8.73
N TYR A 85 -17.48 9.67 8.52
CA TYR A 85 -16.24 10.41 8.41
C TYR A 85 -16.27 11.36 7.20
N ARG A 86 -16.82 10.87 6.10
CA ARG A 86 -16.89 11.66 4.88
C ARG A 86 -18.03 12.69 4.83
N THR A 87 -18.96 12.61 5.78
CA THR A 87 -20.06 13.56 5.80
C THR A 87 -19.93 14.58 6.93
N ILE A 88 -20.17 14.16 8.17
CA ILE A 88 -20.05 15.11 9.28
C ILE A 88 -18.61 15.28 9.77
N GLY A 89 -17.74 14.33 9.42
CA GLY A 89 -16.35 14.40 9.79
C GLY A 89 -16.01 14.36 11.27
N LEU A 90 -14.74 14.62 11.58
CA LEU A 90 -14.29 14.62 12.96
C LEU A 90 -14.95 15.76 13.73
N GLU A 91 -15.19 16.87 13.04
CA GLU A 91 -15.84 18.01 13.68
C GLU A 91 -17.23 17.58 14.14
N GLY A 92 -17.89 16.76 13.33
CA GLY A 92 -19.22 16.28 13.67
C GLY A 92 -19.21 15.40 14.91
N ILE A 93 -18.20 14.53 15.00
CA ILE A 93 -18.09 13.65 16.15
C ILE A 93 -17.89 14.48 17.42
N LEU A 94 -16.99 15.45 17.34
CA LEU A 94 -16.71 16.30 18.49
C LEU A 94 -17.95 17.08 18.91
N LYS A 95 -18.72 17.55 17.92
CA LYS A 95 -19.93 18.31 18.24
C LYS A 95 -20.94 17.41 18.96
N LEU A 96 -21.08 16.18 18.49
CA LEU A 96 -21.99 15.22 19.11
C LEU A 96 -21.58 14.89 20.53
N MET A 97 -20.28 14.90 20.80
CA MET A 97 -19.75 14.56 22.11
C MET A 97 -19.61 15.73 23.08
N GLU A 98 -20.00 16.92 22.66
CA GLU A 98 -19.90 18.08 23.55
C GLU A 98 -20.69 17.84 24.83
N GLY A 99 -20.02 17.97 25.97
CA GLY A 99 -20.68 17.77 27.25
C GLY A 99 -20.90 16.33 27.67
N ALA A 100 -20.35 15.39 26.91
CA ALA A 100 -20.52 13.98 27.22
C ALA A 100 -19.89 13.60 28.56
N GLU A 101 -20.62 12.81 29.35
CA GLU A 101 -20.13 12.37 30.66
C GLU A 101 -19.26 11.13 30.49
N ASP A 102 -19.27 10.56 29.28
CA ASP A 102 -18.48 9.37 28.98
C ASP A 102 -18.01 9.45 27.54
N ARG A 103 -16.70 9.62 27.35
CA ARG A 103 -16.15 9.74 26.01
C ARG A 103 -15.46 8.45 25.54
N ARG A 104 -15.65 7.37 26.28
CA ARG A 104 -15.03 6.10 25.91
C ARG A 104 -15.54 5.53 24.59
N ALA A 105 -14.68 4.76 23.93
CA ALA A 105 -15.03 4.17 22.65
C ALA A 105 -13.99 3.11 22.34
N TYR A 106 -14.28 2.25 21.37
CA TYR A 106 -13.31 1.25 20.99
C TYR A 106 -13.19 1.21 19.48
N PHE A 107 -11.99 0.87 19.01
CA PHE A 107 -11.74 0.72 17.60
C PHE A 107 -11.69 -0.77 17.38
N LYS A 108 -12.24 -1.23 16.26
CA LYS A 108 -12.20 -2.65 15.95
C LYS A 108 -11.82 -2.86 14.51
N SER A 109 -10.98 -3.88 14.29
CA SER A 109 -10.52 -4.24 12.96
C SER A 109 -10.86 -5.70 12.68
N VAL A 110 -11.38 -5.97 11.49
CA VAL A 110 -11.67 -7.34 11.10
C VAL A 110 -10.98 -7.58 9.77
N ILE A 111 -10.08 -8.56 9.76
CA ILE A 111 -9.36 -8.93 8.56
C ILE A 111 -9.98 -10.19 7.99
N GLY A 112 -10.26 -10.17 6.70
CA GLY A 112 -10.79 -11.35 6.03
C GLY A 112 -9.64 -11.92 5.22
N PHE A 113 -9.49 -13.24 5.22
CA PHE A 113 -8.42 -13.90 4.47
C PHE A 113 -8.99 -15.07 3.69
N TYR A 114 -8.63 -15.18 2.42
CA TYR A 114 -9.12 -16.25 1.56
C TYR A 114 -8.00 -16.96 0.81
N ILE A 115 -8.02 -18.29 0.87
CA ILE A 115 -7.02 -19.08 0.18
C ILE A 115 -7.56 -20.49 -0.09
N ASP A 116 -7.36 -20.95 -1.32
CA ASP A 116 -7.78 -22.30 -1.72
C ASP A 116 -9.17 -22.73 -1.23
N GLY A 117 -10.18 -21.91 -1.54
CA GLY A 117 -11.54 -22.23 -1.16
C GLY A 117 -11.87 -22.18 0.33
N LYS A 118 -11.04 -21.50 1.09
CA LYS A 118 -11.25 -21.39 2.54
C LYS A 118 -11.21 -19.93 2.96
N ALA A 119 -12.20 -19.53 3.76
CA ALA A 119 -12.29 -18.15 4.23
C ALA A 119 -12.12 -18.07 5.75
N TYR A 120 -11.38 -17.07 6.21
CA TYR A 120 -11.13 -16.86 7.63
C TYR A 120 -11.28 -15.41 8.01
N LYS A 121 -11.52 -15.16 9.30
CA LYS A 121 -11.64 -13.80 9.81
C LYS A 121 -10.82 -13.68 11.09
N PHE A 122 -10.09 -12.58 11.19
CA PHE A 122 -9.34 -12.32 12.37
C PHE A 122 -9.68 -10.91 12.78
N SER A 123 -9.67 -10.62 14.07
CA SER A 123 -10.07 -9.30 14.51
C SER A 123 -9.29 -8.88 15.73
N GLY A 124 -9.40 -7.58 16.04
CA GLY A 124 -8.72 -7.02 17.18
C GLY A 124 -9.50 -5.82 17.67
N VAL A 125 -9.46 -5.59 18.98
CA VAL A 125 -10.19 -4.48 19.59
C VAL A 125 -9.28 -3.68 20.52
N THR A 126 -9.32 -2.36 20.39
CA THR A 126 -8.55 -1.51 21.27
C THR A 126 -9.47 -0.44 21.84
N TRP A 127 -9.58 -0.42 23.16
CA TRP A 127 -10.40 0.56 23.83
C TRP A 127 -9.64 1.86 24.04
N GLY A 128 -10.39 2.94 24.21
CA GLY A 128 -9.78 4.25 24.43
C GLY A 128 -10.89 5.26 24.62
N ARG A 129 -10.64 6.50 24.22
CA ARG A 129 -11.66 7.53 24.34
C ARG A 129 -11.41 8.65 23.35
N ILE A 130 -12.45 9.43 23.11
CA ILE A 130 -12.36 10.52 22.16
C ILE A 130 -11.76 11.78 22.78
N SER A 131 -10.76 12.35 22.11
CA SER A 131 -10.12 13.55 22.61
C SER A 131 -11.10 14.71 22.49
N ASN A 132 -10.78 15.83 23.12
CA ASN A 132 -11.67 16.98 23.08
C ASN A 132 -11.44 17.82 21.82
N GLU A 133 -10.27 17.65 21.20
CA GLU A 133 -9.92 18.38 19.98
C GLU A 133 -8.99 17.51 19.13
N LYS A 134 -8.93 17.79 17.84
CA LYS A 134 -8.05 17.07 16.94
C LYS A 134 -6.59 17.34 17.29
N ARG A 135 -5.78 16.28 17.36
CA ARG A 135 -4.35 16.40 17.66
C ARG A 135 -3.54 15.41 16.83
N GLY A 136 -2.47 15.88 16.21
CA GLY A 136 -1.62 15.00 15.42
C GLY A 136 -1.94 14.96 13.94
N THR A 137 -0.94 14.62 13.13
CA THR A 137 -1.12 14.55 11.68
C THR A 137 -0.70 13.22 11.06
N HIS A 138 -0.26 12.28 11.87
CA HIS A 138 0.13 10.96 11.36
C HIS A 138 -1.12 10.10 11.22
N GLY A 139 -0.99 8.97 10.53
CA GLY A 139 -2.13 8.08 10.37
C GLY A 139 -3.19 8.58 9.41
N PHE A 140 -4.45 8.25 9.70
CA PHE A 140 -5.55 8.64 8.85
C PHE A 140 -6.89 8.60 9.58
N GLY A 141 -7.97 8.95 8.87
CA GLY A 141 -9.29 8.93 9.45
C GLY A 141 -9.46 9.58 10.80
N TYR A 142 -10.03 8.83 11.74
CA TYR A 142 -10.29 9.31 13.09
C TYR A 142 -9.06 9.34 14.00
N ASP A 143 -7.87 9.05 13.48
CA ASP A 143 -6.68 9.05 14.32
C ASP A 143 -6.46 10.32 15.16
N PRO A 144 -6.80 11.50 14.61
CA PRO A 144 -6.60 12.74 15.39
C PRO A 144 -7.46 12.89 16.65
N ILE A 145 -8.50 12.05 16.79
CA ILE A 145 -9.34 12.19 17.97
C ILE A 145 -9.50 10.93 18.83
N PHE A 146 -8.68 9.92 18.58
CA PHE A 146 -8.76 8.70 19.36
C PHE A 146 -7.53 8.48 20.21
N ILE A 147 -7.73 8.39 21.52
CA ILE A 147 -6.64 8.16 22.47
C ILE A 147 -6.79 6.74 23.01
N PRO A 148 -5.86 5.84 22.65
CA PRO A 148 -5.95 4.47 23.14
C PRO A 148 -5.75 4.42 24.66
N GLU A 149 -6.42 3.47 25.30
CA GLU A 149 -6.35 3.32 26.74
C GLU A 149 -4.91 3.25 27.23
N GLY A 150 -4.59 4.04 28.24
CA GLY A 150 -3.24 4.05 28.80
C GLY A 150 -2.31 5.08 28.19
N SER A 151 -2.70 5.64 27.04
CA SER A 151 -1.87 6.62 26.37
C SER A 151 -2.32 8.06 26.60
N GLU A 152 -1.40 9.00 26.34
CA GLU A 152 -1.71 10.42 26.49
C GLU A 152 -1.80 11.01 25.08
N LYS A 153 -1.34 10.25 24.09
CA LYS A 153 -1.35 10.68 22.70
C LYS A 153 -2.46 10.05 21.90
N THR A 154 -2.90 10.75 20.87
CA THR A 154 -3.92 10.22 19.97
C THR A 154 -3.14 9.38 18.97
N PHE A 155 -3.84 8.53 18.22
CA PHE A 155 -3.16 7.70 17.23
C PHE A 155 -2.41 8.60 16.23
N ALA A 156 -2.94 9.78 15.95
CA ALA A 156 -2.31 10.70 15.00
C ALA A 156 -1.01 11.30 15.50
N GLU A 157 -0.75 11.19 16.80
CA GLU A 157 0.48 11.73 17.37
C GLU A 157 1.57 10.65 17.44
N MET A 158 1.21 9.44 17.02
CA MET A 158 2.15 8.32 17.07
C MET A 158 2.74 7.96 15.72
N THR A 159 3.90 7.30 15.75
CA THR A 159 4.53 6.84 14.52
C THR A 159 3.75 5.58 14.16
N ILE A 160 3.93 5.11 12.93
CA ILE A 160 3.20 3.91 12.51
C ILE A 160 3.58 2.71 13.38
N GLU A 161 4.84 2.67 13.83
CA GLU A 161 5.30 1.58 14.68
C GLU A 161 4.57 1.61 16.02
N GLU A 162 4.47 2.80 16.60
CA GLU A 162 3.79 2.97 17.88
C GLU A 162 2.31 2.62 17.76
N LYS A 163 1.69 3.07 16.67
CA LYS A 163 0.28 2.80 16.46
C LYS A 163 0.02 1.30 16.32
N ASN A 164 0.81 0.63 15.49
CA ASN A 164 0.65 -0.81 15.28
C ASN A 164 0.82 -1.59 16.59
N ALA A 165 1.64 -1.09 17.49
CA ALA A 165 1.88 -1.78 18.76
C ALA A 165 0.69 -1.70 19.70
N LEU A 166 -0.23 -0.76 19.44
CA LEU A 166 -1.38 -0.56 20.31
C LEU A 166 -2.75 -0.67 19.66
N SER A 167 -2.80 -0.52 18.35
CA SER A 167 -4.08 -0.50 17.66
C SER A 167 -4.86 -1.79 17.47
N HIS A 168 -6.11 -1.59 17.07
CA HIS A 168 -7.04 -2.67 16.77
C HIS A 168 -6.52 -3.45 15.57
N ARG A 169 -5.91 -2.75 14.61
CA ARG A 169 -5.37 -3.38 13.41
C ARG A 169 -4.13 -4.21 13.75
N GLY A 170 -3.29 -3.69 14.63
CA GLY A 170 -2.10 -4.44 15.01
C GLY A 170 -2.53 -5.74 15.68
N LYS A 171 -3.60 -5.67 16.47
CA LYS A 171 -4.11 -6.85 17.16
C LYS A 171 -4.69 -7.87 16.17
N ALA A 172 -5.46 -7.39 15.19
CA ALA A 172 -6.03 -8.30 14.21
C ALA A 172 -4.91 -8.97 13.42
N LEU A 173 -3.86 -8.20 13.12
CA LEU A 173 -2.71 -8.71 12.38
C LEU A 173 -1.97 -9.77 13.21
N LYS A 174 -1.90 -9.55 14.51
CA LYS A 174 -1.23 -10.52 15.37
C LYS A 174 -2.02 -11.83 15.37
N ALA A 175 -3.34 -11.74 15.50
CA ALA A 175 -4.18 -12.93 15.50
C ALA A 175 -3.99 -13.67 14.16
N PHE A 176 -4.00 -12.90 13.07
CA PHE A 176 -3.82 -13.46 11.75
C PHE A 176 -2.48 -14.16 11.61
N PHE A 177 -1.41 -13.49 12.03
CA PHE A 177 -0.07 -14.06 11.93
C PHE A 177 0.09 -15.31 12.79
N GLU A 178 -0.51 -15.32 13.98
CA GLU A 178 -0.40 -16.49 14.84
C GLU A 178 -1.07 -17.67 14.15
N TRP A 179 -2.14 -17.40 13.41
CA TRP A 179 -2.84 -18.46 12.67
C TRP A 179 -1.93 -18.90 11.52
N LEU A 180 -1.39 -17.94 10.78
CA LEU A 180 -0.51 -18.26 9.66
C LEU A 180 0.61 -19.20 10.06
N LYS A 181 1.27 -18.89 11.18
CA LYS A 181 2.39 -19.71 11.64
C LYS A 181 2.10 -21.20 11.83
N VAL A 182 0.87 -21.56 12.13
CA VAL A 182 0.54 -22.96 12.33
C VAL A 182 -0.28 -23.55 11.18
N ASN A 183 -0.27 -22.87 10.03
CA ASN A 183 -1.01 -23.33 8.86
C ASN A 183 -0.28 -23.24 7.53
N LEU A 184 0.35 -22.10 7.27
CA LEU A 184 0.96 -21.87 5.95
C LEU A 184 2.47 -21.63 6.05
N LYS A 185 3.17 -22.03 4.97
CA LYS A 185 4.58 -21.69 4.83
C LYS A 185 4.77 -20.22 4.50
N TYR A 186 5.77 -19.59 5.13
CA TYR A 186 6.01 -18.17 4.83
C TYR A 186 7.47 -17.78 5.07
N MET B 1 13.49 21.79 0.40
CA MET B 1 14.54 20.85 0.85
C MET B 1 14.99 19.99 -0.33
N LYS B 2 16.23 19.48 -0.20
CA LYS B 2 16.86 18.66 -1.23
C LYS B 2 16.89 17.16 -0.90
N ILE B 3 16.65 16.34 -1.93
CA ILE B 3 16.72 14.89 -1.71
C ILE B 3 17.63 14.35 -2.77
N PHE B 4 18.61 13.57 -2.37
CA PHE B 4 19.55 13.00 -3.33
C PHE B 4 19.01 11.67 -3.85
N PHE B 5 18.84 11.61 -5.17
CA PHE B 5 18.30 10.42 -5.83
C PHE B 5 19.47 9.64 -6.42
N ILE B 6 19.78 8.51 -5.81
CA ILE B 6 20.90 7.68 -6.27
C ILE B 6 20.43 6.80 -7.42
N THR B 7 20.78 7.20 -8.63
CA THR B 7 20.37 6.47 -9.83
C THR B 7 21.17 6.94 -11.03
N SER B 8 21.15 6.14 -12.09
CA SER B 8 21.83 6.50 -13.32
C SER B 8 20.83 6.46 -14.47
N ASN B 9 19.54 6.51 -14.12
CA ASN B 9 18.46 6.47 -15.11
C ASN B 9 17.95 7.90 -15.32
N PRO B 10 18.31 8.52 -16.45
CA PRO B 10 17.88 9.89 -16.76
C PRO B 10 16.36 10.08 -16.79
N GLY B 11 15.67 9.13 -17.41
CA GLY B 11 14.22 9.21 -17.48
C GLY B 11 13.56 9.14 -16.12
N LYS B 12 14.11 8.30 -15.24
CA LYS B 12 13.56 8.15 -13.90
C LYS B 12 13.76 9.43 -13.09
N VAL B 13 14.93 10.05 -13.23
CA VAL B 13 15.23 11.28 -12.52
C VAL B 13 14.22 12.37 -12.92
N ARG B 14 14.00 12.50 -14.22
CA ARG B 14 13.05 13.49 -14.73
C ARG B 14 11.66 13.32 -14.13
N GLU B 15 11.18 12.08 -14.13
CA GLU B 15 9.85 11.77 -13.60
C GLU B 15 9.73 12.11 -12.13
N VAL B 16 10.71 11.67 -11.34
CA VAL B 16 10.70 11.92 -9.90
C VAL B 16 10.88 13.40 -9.57
N ALA B 17 11.81 14.04 -10.26
CA ALA B 17 12.06 15.46 -10.02
C ALA B 17 10.83 16.30 -10.38
N ASN B 18 10.19 15.93 -11.49
CA ASN B 18 8.99 16.64 -11.94
C ASN B 18 7.85 16.51 -10.93
N PHE B 19 7.67 15.32 -10.37
CA PHE B 19 6.60 15.10 -9.41
C PHE B 19 6.83 15.79 -8.07
N LEU B 20 7.97 15.53 -7.45
CA LEU B 20 8.27 16.12 -6.15
C LEU B 20 8.53 17.63 -6.21
N GLY B 21 8.95 18.12 -7.37
CA GLY B 21 9.21 19.55 -7.51
C GLY B 21 7.93 20.35 -7.36
N THR B 22 6.81 19.70 -7.58
CA THR B 22 5.50 20.32 -7.47
C THR B 22 5.28 20.76 -6.04
N PHE B 23 5.99 20.12 -5.12
CA PHE B 23 5.83 20.44 -3.71
C PHE B 23 7.08 21.03 -3.06
N GLY B 24 7.86 21.76 -3.85
CA GLY B 24 9.04 22.42 -3.34
C GLY B 24 10.21 21.53 -2.96
N ILE B 25 10.19 20.28 -3.40
CA ILE B 25 11.29 19.36 -3.09
C ILE B 25 12.25 19.28 -4.27
N GLU B 26 13.52 19.57 -4.00
CA GLU B 26 14.54 19.55 -5.04
C GLU B 26 15.23 18.19 -5.10
N ILE B 27 15.11 17.53 -6.25
CA ILE B 27 15.73 16.23 -6.45
C ILE B 27 17.08 16.44 -7.12
N VAL B 28 18.12 15.90 -6.50
CA VAL B 28 19.48 16.00 -7.03
C VAL B 28 20.01 14.61 -7.33
N GLN B 29 20.24 14.34 -8.61
CA GLN B 29 20.75 13.03 -9.01
C GLN B 29 22.21 12.82 -8.64
N LEU B 30 22.50 11.64 -8.12
CA LEU B 30 23.86 11.26 -7.76
C LEU B 30 24.09 9.90 -8.39
N LYS B 31 25.03 9.84 -9.33
CA LYS B 31 25.32 8.58 -10.02
C LYS B 31 26.34 7.76 -9.24
N HIS B 32 25.87 7.14 -8.16
CA HIS B 32 26.72 6.32 -7.32
C HIS B 32 26.21 4.88 -7.41
N GLU B 33 26.98 4.03 -8.06
CA GLU B 33 26.58 2.63 -8.21
C GLU B 33 26.45 1.92 -6.87
N TYR B 34 25.46 1.04 -6.78
CA TYR B 34 25.24 0.29 -5.57
C TYR B 34 24.72 -1.08 -5.95
N PRO B 35 24.91 -2.07 -5.07
CA PRO B 35 24.45 -3.43 -5.34
C PRO B 35 22.93 -3.60 -5.34
N GLU B 36 22.43 -4.20 -6.42
CA GLU B 36 21.01 -4.50 -6.53
C GLU B 36 21.01 -6.02 -6.45
N ILE B 37 20.65 -6.54 -5.28
CA ILE B 37 20.68 -7.98 -5.10
C ILE B 37 19.62 -8.77 -5.83
N GLN B 38 19.90 -10.05 -6.03
CA GLN B 38 18.96 -10.95 -6.64
C GLN B 38 17.98 -11.25 -5.51
N ALA B 39 16.70 -11.10 -5.79
CA ALA B 39 15.68 -11.35 -4.77
C ALA B 39 14.33 -11.48 -5.46
N GLU B 40 13.35 -12.01 -4.72
CA GLU B 40 12.02 -12.20 -5.26
C GLU B 40 11.21 -10.92 -5.03
N LYS B 41 11.57 -10.19 -3.98
CA LYS B 41 10.88 -8.96 -3.57
C LYS B 41 11.65 -7.68 -3.87
N LEU B 42 10.96 -6.68 -4.42
CA LEU B 42 11.60 -5.39 -4.70
C LEU B 42 12.02 -4.79 -3.36
N GLU B 43 11.24 -5.08 -2.32
CA GLU B 43 11.54 -4.57 -0.99
C GLU B 43 12.93 -4.99 -0.51
N ASP B 44 13.34 -6.21 -0.83
CA ASP B 44 14.64 -6.70 -0.40
C ASP B 44 15.76 -6.00 -1.16
N VAL B 45 15.53 -5.70 -2.44
CA VAL B 45 16.53 -5.02 -3.23
C VAL B 45 16.73 -3.62 -2.66
N VAL B 46 15.63 -2.95 -2.35
CA VAL B 46 15.69 -1.61 -1.79
C VAL B 46 16.31 -1.59 -0.40
N ASP B 47 15.92 -2.51 0.47
CA ASP B 47 16.49 -2.57 1.82
C ASP B 47 18.01 -2.69 1.75
N PHE B 48 18.48 -3.63 0.93
CA PHE B 48 19.91 -3.86 0.80
C PHE B 48 20.62 -2.64 0.21
N GLY B 49 20.00 -2.03 -0.80
CA GLY B 49 20.59 -0.86 -1.41
C GLY B 49 20.78 0.28 -0.44
N ILE B 50 19.76 0.55 0.37
CA ILE B 50 19.83 1.62 1.35
C ILE B 50 20.89 1.32 2.41
N SER B 51 20.85 0.11 2.96
CA SER B 51 21.82 -0.29 3.97
C SER B 51 23.26 -0.17 3.47
N TRP B 52 23.45 -0.44 2.18
CA TRP B 52 24.78 -0.36 1.59
C TRP B 52 25.19 1.09 1.35
N LEU B 53 24.24 1.92 0.93
CA LEU B 53 24.53 3.32 0.65
C LEU B 53 24.79 4.18 1.89
N LYS B 54 24.22 3.78 3.02
CA LYS B 54 24.40 4.50 4.29
C LYS B 54 25.86 4.90 4.52
N GLY B 55 26.11 6.20 4.63
CA GLY B 55 27.46 6.67 4.87
C GLY B 55 28.33 6.83 3.64
N LYS B 56 27.80 6.50 2.47
CA LYS B 56 28.55 6.61 1.23
C LYS B 56 28.04 7.78 0.38
N VAL B 57 26.86 8.29 0.73
CA VAL B 57 26.26 9.39 -0.03
C VAL B 57 25.61 10.41 0.89
N PRO B 58 25.41 11.64 0.40
CA PRO B 58 24.79 12.69 1.22
C PRO B 58 23.34 12.33 1.56
N GLU B 59 22.85 12.87 2.67
CA GLU B 59 21.49 12.61 3.13
C GLU B 59 20.64 13.87 3.08
N PRO B 60 19.32 13.72 2.97
CA PRO B 60 18.63 12.42 2.86
C PRO B 60 18.72 11.92 1.42
N PHE B 61 18.62 10.60 1.23
CA PHE B 61 18.69 10.05 -0.11
C PHE B 61 17.60 9.01 -0.39
N MET B 62 17.34 8.78 -1.66
CA MET B 62 16.33 7.82 -2.08
C MET B 62 16.79 6.98 -3.26
N ILE B 63 16.17 5.82 -3.40
CA ILE B 63 16.44 4.92 -4.52
C ILE B 63 15.09 4.34 -4.90
N GLU B 64 15.01 3.69 -6.04
CA GLU B 64 13.75 3.10 -6.49
C GLU B 64 14.00 1.90 -7.38
N ASP B 65 13.07 0.95 -7.32
CA ASP B 65 13.17 -0.24 -8.16
C ASP B 65 11.74 -0.66 -8.47
N SER B 66 11.52 -1.20 -9.66
CA SER B 66 10.18 -1.62 -10.05
C SER B 66 10.27 -2.79 -10.99
N GLY B 67 9.13 -3.38 -11.30
CA GLY B 67 9.10 -4.51 -12.20
C GLY B 67 7.70 -4.93 -12.58
N LEU B 68 7.59 -5.81 -13.56
CA LEU B 68 6.31 -6.34 -14.03
C LEU B 68 6.21 -7.76 -13.48
N PHE B 69 5.09 -8.06 -12.82
CA PHE B 69 4.86 -9.38 -12.24
C PHE B 69 3.66 -10.03 -12.91
N ILE B 70 3.92 -11.09 -13.67
CA ILE B 70 2.87 -11.81 -14.39
C ILE B 70 2.36 -13.04 -13.63
N GLU B 71 1.03 -13.01 -13.33
CA GLU B 71 0.40 -14.04 -12.52
C GLU B 71 0.69 -15.47 -13.00
N SER B 72 0.43 -15.70 -14.30
CA SER B 72 0.56 -17.06 -14.84
C SER B 72 2.03 -17.53 -14.90
N LEU B 73 2.95 -16.58 -14.70
CA LEU B 73 4.37 -16.94 -14.71
C LEU B 73 4.98 -16.91 -13.30
N LYS B 74 4.10 -17.06 -12.29
CA LYS B 74 4.53 -17.05 -10.89
C LYS B 74 5.27 -15.76 -10.52
N GLY B 75 4.87 -14.63 -11.11
CA GLY B 75 5.49 -13.36 -10.76
C GLY B 75 6.62 -12.91 -11.66
N PHE B 76 7.08 -13.80 -12.53
CA PHE B 76 8.16 -13.51 -13.47
C PHE B 76 7.66 -12.42 -14.43
N PRO B 77 8.54 -11.52 -14.89
CA PRO B 77 9.98 -11.39 -14.60
C PRO B 77 10.31 -10.68 -13.30
N GLY B 78 9.33 -9.97 -12.75
CA GLY B 78 9.51 -9.27 -11.48
C GLY B 78 10.75 -8.42 -11.32
N VAL B 79 11.54 -8.74 -10.30
CA VAL B 79 12.79 -8.03 -9.99
C VAL B 79 13.78 -8.03 -11.16
N TYR B 80 13.63 -9.00 -12.06
CA TYR B 80 14.53 -9.15 -13.21
C TYR B 80 13.93 -8.66 -14.50
N SER B 81 12.94 -7.77 -14.40
CA SER B 81 12.27 -7.22 -15.58
C SER B 81 13.20 -6.64 -16.64
N SER B 82 14.19 -5.85 -16.23
CA SER B 82 15.12 -5.24 -17.19
C SER B 82 15.89 -6.29 -17.99
N TYR B 83 16.50 -7.23 -17.28
CA TYR B 83 17.28 -8.28 -17.92
C TYR B 83 16.43 -9.11 -18.88
N VAL B 84 15.25 -9.49 -18.43
CA VAL B 84 14.37 -10.29 -19.25
C VAL B 84 13.97 -9.55 -20.52
N TYR B 85 13.72 -8.24 -20.39
CA TYR B 85 13.34 -7.44 -21.54
C TYR B 85 14.48 -7.40 -22.57
N ARG B 86 15.70 -7.27 -22.08
CA ARG B 86 16.88 -7.20 -22.94
C ARG B 86 17.26 -8.51 -23.60
N THR B 87 16.82 -9.62 -23.03
CA THR B 87 17.16 -10.93 -23.58
C THR B 87 16.04 -11.59 -24.38
N ILE B 88 15.02 -12.09 -23.71
CA ILE B 88 13.93 -12.74 -24.45
C ILE B 88 12.95 -11.73 -25.02
N GLY B 89 12.94 -10.53 -24.47
CA GLY B 89 12.07 -9.46 -24.95
C GLY B 89 10.57 -9.69 -24.86
N LEU B 90 9.81 -8.79 -25.48
CA LEU B 90 8.36 -8.90 -25.48
C LEU B 90 7.93 -10.17 -26.21
N GLU B 91 8.71 -10.56 -27.22
CA GLU B 91 8.43 -11.76 -27.99
C GLU B 91 8.47 -12.96 -27.05
N GLY B 92 9.45 -12.94 -26.14
CA GLY B 92 9.59 -14.02 -25.17
C GLY B 92 8.43 -14.11 -24.21
N ILE B 93 7.95 -12.95 -23.73
CA ILE B 93 6.83 -12.94 -22.81
C ILE B 93 5.59 -13.48 -23.51
N LEU B 94 5.31 -12.99 -24.71
CA LEU B 94 4.14 -13.46 -25.45
C LEU B 94 4.22 -14.95 -25.74
N LYS B 95 5.43 -15.43 -26.00
CA LYS B 95 5.64 -16.85 -26.27
C LYS B 95 5.27 -17.67 -25.03
N LEU B 96 5.77 -17.24 -23.88
CA LEU B 96 5.49 -17.92 -22.62
C LEU B 96 4.01 -17.86 -22.27
N MET B 97 3.34 -16.81 -22.72
CA MET B 97 1.92 -16.62 -22.42
C MET B 97 0.97 -17.25 -23.45
N GLU B 98 1.53 -17.88 -24.48
CA GLU B 98 0.70 -18.51 -25.50
C GLU B 98 -0.26 -19.53 -24.89
N GLY B 99 -1.55 -19.34 -25.14
CA GLY B 99 -2.54 -20.26 -24.61
C GLY B 99 -3.02 -19.95 -23.20
N ALA B 100 -2.37 -19.01 -22.53
CA ALA B 100 -2.74 -18.64 -21.18
C ALA B 100 -4.04 -17.82 -21.15
N GLU B 101 -5.03 -18.31 -20.42
CA GLU B 101 -6.31 -17.63 -20.30
C GLU B 101 -6.17 -16.52 -19.25
N ASP B 102 -5.40 -16.87 -18.21
CA ASP B 102 -5.21 -15.89 -17.17
C ASP B 102 -3.99 -15.06 -17.53
N ARG B 103 -4.29 -13.82 -17.98
CA ARG B 103 -3.23 -12.92 -18.43
C ARG B 103 -3.03 -11.73 -17.50
N ARG B 104 -3.53 -11.87 -16.28
CA ARG B 104 -3.40 -10.81 -15.28
C ARG B 104 -1.94 -10.57 -14.89
N ALA B 105 -1.63 -9.31 -14.61
CA ALA B 105 -0.28 -8.91 -14.23
C ALA B 105 -0.33 -7.55 -13.56
N TYR B 106 0.76 -7.17 -12.92
CA TYR B 106 0.82 -5.87 -12.27
C TYR B 106 2.23 -5.31 -12.26
N PHE B 107 2.31 -3.99 -12.30
CA PHE B 107 3.59 -3.29 -12.23
C PHE B 107 3.65 -2.84 -10.77
N LYS B 108 4.82 -2.97 -10.15
CA LYS B 108 4.97 -2.51 -8.77
C LYS B 108 6.26 -1.71 -8.66
N SER B 109 6.18 -0.60 -7.94
CA SER B 109 7.33 0.26 -7.73
C SER B 109 7.54 0.43 -6.23
N VAL B 110 8.79 0.35 -5.80
CA VAL B 110 9.12 0.55 -4.40
C VAL B 110 10.19 1.62 -4.28
N ILE B 111 9.90 2.62 -3.47
CA ILE B 111 10.83 3.73 -3.24
C ILE B 111 11.42 3.55 -1.85
N GLY B 112 12.72 3.74 -1.75
CA GLY B 112 13.41 3.64 -0.47
C GLY B 112 13.91 5.04 -0.13
N PHE B 113 13.78 5.42 1.14
CA PHE B 113 14.20 6.75 1.58
C PHE B 113 14.94 6.64 2.92
N TYR B 114 16.06 7.34 3.03
CA TYR B 114 16.83 7.30 4.26
C TYR B 114 17.05 8.70 4.83
N ILE B 115 16.68 8.87 6.10
CA ILE B 115 16.84 10.15 6.78
C ILE B 115 16.89 9.97 8.29
N ASP B 116 17.73 10.78 8.94
CA ASP B 116 17.90 10.73 10.38
C ASP B 116 17.98 9.33 10.98
N GLY B 117 18.89 8.52 10.43
CA GLY B 117 19.10 7.17 10.93
C GLY B 117 18.05 6.11 10.69
N LYS B 118 17.06 6.37 9.84
CA LYS B 118 16.03 5.36 9.59
C LYS B 118 15.67 5.26 8.11
N ALA B 119 15.35 4.03 7.70
CA ALA B 119 14.96 3.76 6.32
C ALA B 119 13.46 3.61 6.23
N TYR B 120 12.88 4.08 5.12
CA TYR B 120 11.44 4.01 4.88
C TYR B 120 11.18 3.55 3.46
N LYS B 121 10.11 2.78 3.28
CA LYS B 121 9.75 2.30 1.95
C LYS B 121 8.31 2.68 1.63
N PHE B 122 8.05 2.92 0.35
CA PHE B 122 6.73 3.29 -0.13
C PHE B 122 6.52 2.56 -1.44
N SER B 123 5.30 2.09 -1.68
CA SER B 123 5.04 1.36 -2.91
C SER B 123 3.83 1.86 -3.69
N GLY B 124 3.79 1.47 -4.95
CA GLY B 124 2.71 1.82 -5.84
C GLY B 124 2.49 0.62 -6.74
N VAL B 125 1.23 0.27 -7.00
CA VAL B 125 0.91 -0.89 -7.83
C VAL B 125 -0.16 -0.56 -8.85
N THR B 126 0.04 -1.03 -10.08
CA THR B 126 -0.93 -0.82 -11.14
C THR B 126 -1.23 -2.18 -11.77
N TRP B 127 -2.48 -2.60 -11.68
CA TRP B 127 -2.90 -3.87 -12.22
C TRP B 127 -3.34 -3.75 -13.67
N GLY B 128 -3.29 -4.87 -14.38
CA GLY B 128 -3.69 -4.89 -15.77
C GLY B 128 -3.59 -6.30 -16.30
N ARG B 129 -3.41 -6.42 -17.61
CA ARG B 129 -3.27 -7.73 -18.23
C ARG B 129 -2.32 -7.65 -19.42
N ILE B 130 -1.77 -8.80 -19.80
CA ILE B 130 -0.86 -8.87 -20.93
C ILE B 130 -1.68 -9.05 -22.19
N SER B 131 -1.42 -8.21 -23.19
CA SER B 131 -2.12 -8.30 -24.46
C SER B 131 -1.68 -9.54 -25.23
N ASN B 132 -2.35 -9.81 -26.34
CA ASN B 132 -2.01 -10.96 -27.17
C ASN B 132 -0.97 -10.58 -28.22
N GLU B 133 -0.77 -9.28 -28.39
CA GLU B 133 0.20 -8.77 -29.35
C GLU B 133 0.68 -7.36 -28.97
N LYS B 134 1.84 -6.98 -29.50
CA LYS B 134 2.44 -5.67 -29.25
C LYS B 134 1.62 -4.55 -29.89
N ARG B 135 1.31 -3.50 -29.13
CA ARG B 135 0.56 -2.37 -29.68
C ARG B 135 1.06 -1.03 -29.11
N GLY B 136 1.15 -0.02 -29.97
CA GLY B 136 1.60 1.29 -29.52
C GLY B 136 3.07 1.57 -29.67
N THR B 137 3.42 2.85 -29.71
CA THR B 137 4.81 3.25 -29.88
C THR B 137 5.31 4.21 -28.80
N HIS B 138 4.44 4.57 -27.87
CA HIS B 138 4.82 5.46 -26.78
C HIS B 138 5.44 4.64 -25.65
N GLY B 139 5.95 5.33 -24.64
CA GLY B 139 6.53 4.64 -23.50
C GLY B 139 7.80 3.86 -23.76
N PHE B 140 8.01 2.82 -22.95
CA PHE B 140 9.21 1.99 -23.08
C PHE B 140 8.98 0.61 -22.48
N GLY B 141 10.00 -0.23 -22.57
CA GLY B 141 9.91 -1.56 -22.00
C GLY B 141 8.68 -2.37 -22.38
N TYR B 142 8.00 -2.88 -21.36
CA TYR B 142 6.82 -3.71 -21.56
C TYR B 142 5.53 -2.97 -21.91
N ASP B 143 5.61 -1.65 -22.06
CA ASP B 143 4.41 -0.88 -22.38
C ASP B 143 3.58 -1.41 -23.55
N PRO B 144 4.23 -1.91 -24.61
CA PRO B 144 3.46 -2.42 -25.76
C PRO B 144 2.59 -3.65 -25.50
N ILE B 145 2.78 -4.32 -24.37
CA ILE B 145 1.97 -5.50 -24.07
C ILE B 145 1.23 -5.46 -22.73
N PHE B 146 1.17 -4.29 -22.11
CA PHE B 146 0.48 -4.16 -20.83
C PHE B 146 -0.73 -3.24 -20.94
N ILE B 147 -1.91 -3.78 -20.65
CA ILE B 147 -3.16 -3.02 -20.70
C ILE B 147 -3.62 -2.80 -19.27
N PRO B 148 -3.54 -1.56 -18.77
CA PRO B 148 -3.96 -1.27 -17.39
C PRO B 148 -5.44 -1.50 -17.18
N GLU B 149 -5.79 -1.98 -15.99
CA GLU B 149 -7.17 -2.26 -15.65
C GLU B 149 -7.98 -0.98 -15.84
N GLY B 150 -9.14 -1.10 -16.49
CA GLY B 150 -9.99 0.05 -16.72
C GLY B 150 -9.83 0.64 -18.10
N SER B 151 -8.80 0.20 -18.84
CA SER B 151 -8.54 0.70 -20.18
C SER B 151 -8.50 -0.43 -21.21
N GLU B 152 -8.56 -0.05 -22.49
CA GLU B 152 -8.50 -1.02 -23.58
C GLU B 152 -7.16 -0.87 -24.28
N LYS B 153 -6.53 0.27 -24.05
CA LYS B 153 -5.23 0.60 -24.63
C LYS B 153 -4.06 0.06 -23.82
N THR B 154 -2.96 -0.23 -24.50
CA THR B 154 -1.75 -0.68 -23.81
C THR B 154 -1.08 0.63 -23.40
N PHE B 155 -0.15 0.56 -22.46
CA PHE B 155 0.55 1.76 -22.02
C PHE B 155 1.23 2.43 -23.22
N ALA B 156 1.67 1.63 -24.18
CA ALA B 156 2.34 2.15 -25.37
C ALA B 156 1.40 2.91 -26.29
N GLU B 157 0.10 2.64 -26.19
CA GLU B 157 -0.88 3.32 -27.02
C GLU B 157 -1.35 4.61 -26.37
N MET B 158 -0.89 4.86 -25.14
CA MET B 158 -1.28 6.05 -24.41
C MET B 158 -0.24 7.16 -24.50
N THR B 159 -0.69 8.40 -24.29
CA THR B 159 0.21 9.54 -24.30
C THR B 159 0.90 9.48 -22.95
N ILE B 160 1.96 10.27 -22.75
CA ILE B 160 2.64 10.24 -21.46
C ILE B 160 1.70 10.68 -20.35
N GLU B 161 0.81 11.63 -20.66
CA GLU B 161 -0.14 12.12 -19.67
C GLU B 161 -1.09 11.02 -19.21
N GLU B 162 -1.62 10.26 -20.17
CA GLU B 162 -2.55 9.18 -19.87
C GLU B 162 -1.87 8.07 -19.07
N LYS B 163 -0.63 7.74 -19.44
CA LYS B 163 0.10 6.71 -18.71
C LYS B 163 0.43 7.16 -17.29
N ASN B 164 0.90 8.43 -17.20
CA ASN B 164 1.30 8.96 -15.90
C ASN B 164 0.16 8.93 -14.89
N ALA B 165 -1.08 9.11 -15.40
CA ALA B 165 -2.22 9.12 -14.50
C ALA B 165 -2.48 7.73 -13.92
N LEU B 166 -1.92 6.71 -14.56
CA LEU B 166 -2.11 5.33 -14.12
C LEU B 166 -0.81 4.66 -13.66
N SER B 167 0.29 5.41 -13.69
CA SER B 167 1.60 4.90 -13.31
C SER B 167 1.78 4.37 -11.90
N HIS B 168 2.41 3.21 -11.78
CA HIS B 168 2.70 2.60 -10.49
C HIS B 168 3.76 3.43 -9.77
N ARG B 169 4.69 3.99 -10.52
CA ARG B 169 5.73 4.81 -9.91
C ARG B 169 5.09 6.11 -9.41
N GLY B 170 4.09 6.59 -10.15
CA GLY B 170 3.40 7.81 -9.74
C GLY B 170 2.72 7.58 -8.41
N LYS B 171 2.14 6.38 -8.25
CA LYS B 171 1.45 6.04 -7.01
C LYS B 171 2.45 5.96 -5.85
N ALA B 172 3.63 5.38 -6.11
CA ALA B 172 4.65 5.26 -5.09
C ALA B 172 5.11 6.66 -4.67
N LEU B 173 5.24 7.55 -5.65
CA LEU B 173 5.66 8.92 -5.38
C LEU B 173 4.61 9.68 -4.55
N LYS B 174 3.34 9.42 -4.82
CA LYS B 174 2.28 10.08 -4.06
C LYS B 174 2.35 9.64 -2.60
N ALA B 175 2.50 8.33 -2.39
CA ALA B 175 2.58 7.80 -1.04
C ALA B 175 3.79 8.38 -0.32
N PHE B 176 4.91 8.45 -1.04
CA PHE B 176 6.14 9.01 -0.49
C PHE B 176 5.90 10.46 -0.06
N PHE B 177 5.25 11.23 -0.93
CA PHE B 177 4.99 12.63 -0.56
C PHE B 177 4.05 12.81 0.62
N GLU B 178 2.98 12.02 0.69
CA GLU B 178 2.05 12.15 1.80
C GLU B 178 2.81 11.92 3.10
N TRP B 179 3.81 11.05 3.07
CA TRP B 179 4.61 10.77 4.25
C TRP B 179 5.52 11.96 4.55
N LEU B 180 6.16 12.51 3.51
CA LEU B 180 7.06 13.64 3.67
C LEU B 180 6.33 14.86 4.23
N LYS B 181 5.14 15.12 3.69
CA LYS B 181 4.34 16.25 4.10
C LYS B 181 4.06 16.25 5.61
N VAL B 182 3.91 15.07 6.18
CA VAL B 182 3.62 14.92 7.60
C VAL B 182 4.87 14.82 8.48
N ASN B 183 5.93 14.24 7.95
CA ASN B 183 7.15 14.03 8.71
C ASN B 183 8.28 15.03 8.64
N LEU B 184 8.40 15.73 7.52
CA LEU B 184 9.49 16.67 7.39
C LEU B 184 9.08 18.11 7.19
N LYS B 185 9.86 19.07 7.69
CA LYS B 185 9.75 20.51 7.54
C LYS B 185 10.53 20.98 6.32
N TYR B 186 9.94 21.96 5.69
CA TYR B 186 10.58 22.54 4.52
C TYR B 186 9.71 23.56 3.79
S SO4 C . -12.77 5.69 3.37
O1 SO4 C . -13.05 4.51 4.23
O2 SO4 C . -13.81 6.71 3.60
O3 SO4 C . -12.77 5.27 1.95
O4 SO4 C . -11.44 6.24 3.71
S SO4 D . -11.16 -0.38 2.30
O1 SO4 D . -11.94 0.31 3.35
O2 SO4 D . -10.49 0.61 1.45
O3 SO4 D . -12.07 -1.22 1.49
O4 SO4 D . -10.14 -1.25 2.93
S SO4 E . -18.74 -5.92 17.96
O1 SO4 E . -19.87 -6.31 18.83
O2 SO4 E . -19.19 -4.90 16.98
O3 SO4 E . -18.26 -7.10 17.22
O4 SO4 E . -17.65 -5.38 18.80
S SO4 F . -7.42 10.80 5.62
O1 SO4 F . -8.02 9.47 5.80
O2 SO4 F . -8.50 11.80 5.47
O3 SO4 F . -6.58 10.80 4.40
O4 SO4 F . -6.60 11.15 6.79
S SO4 G . 4.57 7.51 10.05
O1 SO4 G . 3.21 6.97 9.91
O2 SO4 G . 4.55 8.96 9.78
O3 SO4 G . 5.47 6.83 9.09
O4 SO4 G . 5.06 7.27 11.42
S SO4 H . -13.07 17.19 9.68
O1 SO4 H . -14.37 17.52 10.29
O2 SO4 H . -12.95 17.91 8.40
O3 SO4 H . -12.99 15.73 9.44
O4 SO4 H . -11.99 17.61 10.59
S SO4 I . -8.05 16.02 25.33
O1 SO4 I . -9.27 15.22 25.21
O2 SO4 I . -8.25 17.15 26.25
O3 SO4 I . -7.68 16.53 24.00
O4 SO4 I . -6.97 15.16 25.84
S SO4 J . 0.97 -6.61 18.89
O1 SO4 J . -0.48 -6.37 18.89
O2 SO4 J . 1.64 -5.57 18.07
O3 SO4 J . 1.24 -7.94 18.29
O4 SO4 J . 1.49 -6.57 20.27
S SO4 K . -17.21 -6.89 -9.80
O1 SO4 K . -18.02 -8.05 -9.87
O2 SO4 K . -17.68 -5.67 -10.36
O3 SO4 K . -15.85 -7.21 -10.48
O4 SO4 K . -16.84 -6.58 -8.43
P IMP L . -14.29 0.52 6.50
O1P IMP L . -15.37 0.24 7.51
O2P IMP L . -13.17 -0.45 6.71
O3P IMP L . -14.88 0.44 5.07
O5' IMP L . -13.74 1.90 6.69
C5' IMP L . -13.08 2.67 7.68
C4' IMP L . -13.55 3.89 8.30
O4' IMP L . -13.12 3.73 9.71
C3' IMP L . -12.79 4.81 7.55
O3' IMP L . -13.59 5.97 7.67
C2' IMP L . -11.61 5.17 8.37
O2' IMP L . -11.22 6.52 8.38
C1' IMP L . -11.94 4.59 9.75
N9 IMP L . -10.80 3.81 10.28
C8 IMP L . -10.48 2.48 10.18
N7 IMP L . -9.30 2.20 10.81
C5 IMP L . -8.89 3.38 11.30
C6 IMP L . -7.71 3.71 12.04
O6 IMP L . -6.76 2.86 12.41
N1 IMP L . -7.61 5.11 12.41
C2 IMP L . -8.58 6.07 12.06
N3 IMP L . -9.70 5.74 11.33
C4 IMP L . -9.78 4.41 10.99
C1 GOL M . 1.44 9.58 7.52
O1 GOL M . 1.63 8.98 9.00
C2 GOL M . 0.45 9.23 6.63
O2 GOL M . -0.58 8.62 7.24
C3 GOL M . 0.78 9.54 5.53
O3 GOL M . 1.03 8.75 4.36
C1 GOL N . -8.51 -6.99 25.49
O1 GOL N . -9.85 -7.56 26.12
C2 GOL N . -8.39 -6.46 24.23
O2 GOL N . -9.59 -6.21 23.65
C3 GOL N . -7.25 -6.38 23.94
O3 GOL N . -6.03 -7.08 24.29
S SO4 O . 11.02 -7.62 -28.66
O1 SO4 O . 10.73 -9.05 -28.51
O2 SO4 O . 9.92 -6.96 -29.39
O3 SO4 O . 12.28 -7.46 -29.42
O4 SO4 O . 11.17 -6.99 -27.32
S SO4 P . -4.41 -20.40 -17.96
O1 SO4 P . -5.56 -20.43 -17.06
O2 SO4 P . -3.88 -19.02 -18.03
O3 SO4 P . -4.82 -20.84 -19.31
O4 SO4 P . -3.34 -21.29 -17.45
S SO4 Q . 12.62 0.60 -25.28
O1 SO4 Q . 11.21 0.79 -25.64
O2 SO4 Q . 13.38 1.83 -25.57
O3 SO4 Q . 13.18 -0.51 -26.06
O4 SO4 Q . 12.73 0.29 -23.84
S SO4 R . -9.34 3.52 -23.26
O1 SO4 R . -10.21 2.34 -23.14
O2 SO4 R . -9.71 4.52 -22.23
O3 SO4 R . -9.50 4.11 -24.61
O4 SO4 R . -7.93 3.13 -23.08
P IMP S . 13.36 0.43 -12.39
O1P IMP S . 12.15 1.08 -11.92
O2P IMP S . 14.21 1.36 -13.15
O3P IMP S . 14.13 -0.18 -11.18
O5' IMP S . 13.03 -0.71 -13.30
C5' IMP S . 13.11 -1.81 -14.09
C4' IMP S . 12.49 -2.11 -15.23
O4' IMP S . 11.17 -2.58 -14.86
C3' IMP S . 12.60 -1.56 -16.49
O3' IMP S . 13.78 -2.01 -17.08
C2' IMP S . 11.46 -2.10 -17.24
O2' IMP S . 11.86 -3.20 -18.00
C1' IMP S . 10.44 -2.45 -16.10
N9 IMP S . 9.44 -1.30 -15.89
C8 IMP S . 9.11 -0.57 -14.77
N7 IMP S . 8.13 0.36 -15.03
C5 IMP S . 7.84 0.18 -16.35
C6 IMP S . 6.89 0.86 -17.20
O6 IMP S . 6.06 1.87 -16.85
N1 IMP S . 6.85 0.38 -18.57
C2 IMP S . 7.68 -0.67 -19.04
N3 IMP S . 8.58 -1.30 -18.21
C4 IMP S . 8.61 -0.84 -16.92
C1 GOL T . 19.35 3.34 -11.95
O1 GOL T . 20.63 3.22 -12.93
C2 GOL T . 19.04 2.48 -10.89
O2 GOL T . 19.78 1.36 -10.93
C3 GOL T . 18.17 2.98 -10.21
O3 GOL T . 17.23 4.06 -10.41
#